data_1B2Y
#
_entry.id   1B2Y
#
_cell.length_a   53.110
_cell.length_b   75.100
_cell.length_c   137.130
_cell.angle_alpha   90.00
_cell.angle_beta   90.00
_cell.angle_gamma   90.00
#
_symmetry.space_group_name_H-M   'P 21 21 21'
#
loop_
_entity.id
_entity.type
_entity.pdbx_description
1 polymer 'Pancreatic alpha-amylase'
2 branched alpha-D-quinovopyranose-(1-4)-alpha-D-glucopyranose-(1-4)-4,6-dideoxy-4-{[(1S,4R,5S,6S)-4,5,6-trihydroxy-3-(hydroxymethyl)cyclohex-2-en-1-yl]amino}-alpha-D-glucopyranose-(1-4)-beta-D-glucopyranose
3 non-polymer 'CHLORIDE ION'
4 non-polymer 'CALCIUM ION'
5 water water
#
_entity_poly.entity_id   1
_entity_poly.type   'polypeptide(L)'
_entity_poly.pdbx_seq_one_letter_code
;(PCA)YSPNTQQGRTSIVHLFEWRWVDIALECERYLAPKGFGGVQVSPPNENVAIYNPFRPWWERYQPVSYKLCTRSGNE
DEFRNMVTRCNNVGVRIYVDAVINHMCGNAVSAGTSSTCGSYFNPGSRDFPAVPYSGWDFNDGKCKTGSGDIENYNDATQ
VRDCRLTGLLDLALEKDYVRSKIAEYMNHLIDIGVAGFRLDASKHMWPGDIKAILDKLHNLNSNWFPAGSKPFIYQEVID
LGGEPIKSSDYFGNGRVTEFKYGAKLGTVIRKWNGEKMSYLKNWGEGWGFVPSDRALVFVDNHDNQRGHGAGGASILTFW
DARLYKMAVGFMLAHPYGFTRVMSSYRWPRQFQNGNDVNDWVGPPNNNGVIKEVTINPDTTCGNDWVCEHRWRQIRNMVI
FRNVVDGQPFTNWYDNGSNQVAFGRGNRGFIVFNNDDWSFSLTLQTGLPAGTYCDVISGDKINGNCTGIKIYVSDDGKAH
FSISNSAEDPFIAIHAESKL
;
_entity_poly.pdbx_strand_id   A
#
loop_
_chem_comp.id
_chem_comp.type
_chem_comp.name
_chem_comp.formula
AC1 D-saccharide 4,6-dideoxy-4-{[(1S,4R,5S,6S)-4,5,6-trihydroxy-3-(hydroxymethyl)cyclohex-2-en-1-yl]amino}-alpha-D-glucopyranose 'C13 H23 N O8'
BGC D-saccharide, beta linking beta-D-glucopyranose 'C6 H12 O6'
CA non-polymer 'CALCIUM ION' 'Ca 2'
CL non-polymer 'CHLORIDE ION' 'Cl -1'
G6D D-saccharide, alpha linking alpha-D-quinovopyranose 'C6 H12 O5'
GLC D-saccharide, alpha linking alpha-D-glucopyranose 'C6 H12 O6'
#
# COMPACT_ATOMS: atom_id res chain seq x y z
N PCA A 1 -5.74 16.28 5.90
CA PCA A 1 -5.60 14.87 6.04
CB PCA A 1 -7.03 14.53 6.25
CG PCA A 1 -7.74 15.97 6.13
CD PCA A 1 -6.76 17.20 5.92
OE PCA A 1 -7.19 18.34 5.92
C PCA A 1 -5.08 14.46 4.68
O PCA A 1 -4.96 13.27 4.42
N TYR A 2 -4.82 15.41 3.78
CA TYR A 2 -4.37 15.06 2.47
C TYR A 2 -2.86 14.95 2.31
N SER A 3 -2.11 15.63 3.16
CA SER A 3 -0.65 15.58 3.08
C SER A 3 -0.11 14.36 3.83
N PRO A 4 0.79 13.57 3.19
CA PRO A 4 1.35 12.39 3.85
C PRO A 4 2.24 12.66 5.05
N ASN A 5 2.71 13.91 5.20
CA ASN A 5 3.58 14.31 6.31
C ASN A 5 4.97 13.68 6.25
N THR A 6 5.40 13.28 5.06
CA THR A 6 6.72 12.68 4.89
C THR A 6 7.78 13.78 4.88
N GLN A 7 9.05 13.41 5.03
CA GLN A 7 10.11 14.43 4.98
C GLN A 7 10.17 15.00 3.56
N GLN A 8 10.59 16.25 3.41
CA GLN A 8 10.63 16.84 2.07
C GLN A 8 11.51 16.01 1.15
N GLY A 9 10.94 15.68 -0.01
CA GLY A 9 11.70 14.90 -0.96
C GLY A 9 11.58 13.40 -0.85
N ARG A 10 10.59 12.93 -0.09
CA ARG A 10 10.31 11.50 0.05
C ARG A 10 8.88 11.37 -0.45
N THR A 11 8.73 10.66 -1.55
CA THR A 11 7.45 10.51 -2.20
C THR A 11 6.69 9.17 -2.12
N SER A 12 7.22 8.15 -1.44
CA SER A 12 6.53 6.84 -1.38
C SER A 12 6.46 6.23 0.02
N ILE A 13 5.51 5.31 0.21
CA ILE A 13 5.42 4.56 1.48
C ILE A 13 5.38 3.07 1.09
N VAL A 14 5.93 2.21 1.95
CA VAL A 14 5.94 0.75 1.74
C VAL A 14 5.02 0.04 2.72
N HIS A 15 4.32 -0.97 2.24
CA HIS A 15 3.48 -1.76 3.11
C HIS A 15 4.34 -2.96 3.55
N LEU A 16 4.89 -2.91 4.77
CA LEU A 16 5.69 -4.04 5.23
C LEU A 16 4.73 -4.98 5.95
N PHE A 17 3.95 -5.64 5.10
CA PHE A 17 2.91 -6.59 5.46
C PHE A 17 3.33 -7.70 6.45
N GLU A 18 2.66 -7.73 7.59
CA GLU A 18 2.89 -8.72 8.64
C GLU A 18 4.27 -8.72 9.33
N TRP A 19 5.08 -7.69 9.07
CA TRP A 19 6.41 -7.62 9.70
C TRP A 19 6.33 -7.32 11.19
N ARG A 20 7.34 -7.76 11.91
CA ARG A 20 7.44 -7.50 13.35
C ARG A 20 7.92 -6.06 13.55
N TRP A 21 7.56 -5.46 14.68
CA TRP A 21 7.94 -4.09 14.97
C TRP A 21 9.47 -3.93 15.03
N VAL A 22 10.12 -4.87 15.70
CA VAL A 22 11.56 -4.79 15.84
C VAL A 22 12.26 -4.86 14.47
N ASP A 23 11.69 -5.58 13.51
CA ASP A 23 12.28 -5.66 12.18
C ASP A 23 12.01 -4.41 11.39
N ILE A 24 10.88 -3.77 11.65
CA ILE A 24 10.59 -2.55 10.93
C ILE A 24 11.53 -1.45 11.42
N ALA A 25 11.79 -1.42 12.74
CA ALA A 25 12.68 -0.43 13.35
C ALA A 25 14.08 -0.50 12.74
N LEU A 26 14.58 -1.72 12.62
CA LEU A 26 15.87 -1.96 12.02
C LEU A 26 15.83 -1.58 10.54
N GLU A 27 14.79 -1.98 9.84
CA GLU A 27 14.68 -1.67 8.42
C GLU A 27 14.71 -0.17 8.20
N CYS A 28 14.09 0.61 9.09
CA CYS A 28 14.06 2.07 8.98
C CYS A 28 15.45 2.68 8.96
N GLU A 29 16.27 2.22 9.89
CA GLU A 29 17.64 2.69 10.04
C GLU A 29 18.66 2.20 9.03
N ARG A 30 18.63 0.90 8.73
CA ARG A 30 19.58 0.29 7.81
C ARG A 30 19.23 0.37 6.33
N TYR A 31 17.97 0.66 6.01
CA TYR A 31 17.57 0.69 4.61
C TYR A 31 16.61 1.79 4.16
N LEU A 32 15.47 1.88 4.82
CA LEU A 32 14.44 2.85 4.43
C LEU A 32 14.91 4.28 4.38
N ALA A 33 15.60 4.69 5.43
CA ALA A 33 16.10 6.05 5.51
C ALA A 33 17.16 6.35 4.46
N PRO A 34 18.25 5.56 4.42
CA PRO A 34 19.29 5.82 3.41
C PRO A 34 18.83 5.72 1.97
N LYS A 35 17.79 4.93 1.70
CA LYS A 35 17.30 4.76 0.33
C LYS A 35 16.13 5.65 -0.06
N GLY A 36 15.82 6.62 0.79
CA GLY A 36 14.76 7.58 0.50
C GLY A 36 13.30 7.24 0.59
N PHE A 37 12.96 6.23 1.39
CA PHE A 37 11.55 5.84 1.53
C PHE A 37 10.90 6.80 2.51
N GLY A 38 9.71 7.28 2.13
CA GLY A 38 8.97 8.24 2.94
C GLY A 38 8.32 7.69 4.18
N GLY A 39 7.79 6.46 4.09
CA GLY A 39 7.11 5.89 5.24
C GLY A 39 6.73 4.42 5.12
N VAL A 40 6.16 3.87 6.19
CA VAL A 40 5.75 2.47 6.25
C VAL A 40 4.31 2.29 6.75
N GLN A 41 3.54 1.47 6.03
CA GLN A 41 2.18 1.16 6.44
C GLN A 41 2.33 -0.14 7.22
N VAL A 42 1.94 -0.15 8.49
CA VAL A 42 2.09 -1.36 9.28
C VAL A 42 0.78 -2.08 9.40
N SER A 43 0.85 -3.38 9.68
CA SER A 43 -0.35 -4.20 9.84
C SER A 43 -1.04 -3.73 11.11
N PRO A 44 -2.34 -4.04 11.29
CA PRO A 44 -3.06 -3.61 12.50
C PRO A 44 -2.29 -3.89 13.80
N PRO A 45 -1.93 -2.83 14.55
CA PRO A 45 -1.18 -2.98 15.81
C PRO A 45 -2.00 -3.35 17.03
N ASN A 46 -3.33 -3.40 16.89
CA ASN A 46 -4.23 -3.75 18.00
C ASN A 46 -4.54 -5.26 18.11
N GLU A 47 -4.84 -5.69 19.34
CA GLU A 47 -5.15 -7.10 19.62
C GLU A 47 -6.24 -7.64 18.72
N ASN A 48 -6.01 -8.85 18.22
CA ASN A 48 -6.97 -9.54 17.35
C ASN A 48 -7.22 -10.97 17.85
N VAL A 49 -8.19 -11.63 17.24
CA VAL A 49 -8.48 -12.99 17.64
C VAL A 49 -7.46 -13.96 17.00
N ALA A 50 -7.01 -14.92 17.78
CA ALA A 50 -6.06 -15.93 17.33
C ALA A 50 -6.93 -17.04 16.76
N ILE A 51 -6.88 -17.19 15.44
CA ILE A 51 -7.67 -18.20 14.73
C ILE A 51 -6.77 -19.40 14.47
N TYR A 52 -7.20 -20.56 14.95
CA TYR A 52 -6.40 -21.76 14.82
C TYR A 52 -6.79 -22.73 13.71
N ASN A 53 -7.92 -22.45 13.05
CA ASN A 53 -8.37 -23.27 11.94
C ASN A 53 -9.03 -22.34 10.92
N PRO A 54 -8.31 -22.01 9.82
CA PRO A 54 -6.94 -22.48 9.57
C PRO A 54 -5.90 -21.86 10.51
N PHE A 55 -4.68 -22.39 10.46
CA PHE A 55 -3.64 -21.94 11.38
C PHE A 55 -3.10 -20.52 11.19
N ARG A 56 -3.51 -19.63 12.09
CA ARG A 56 -3.11 -18.21 12.15
C ARG A 56 -3.04 -17.52 10.80
N PRO A 57 -4.18 -17.40 10.12
CA PRO A 57 -4.21 -16.76 8.81
C PRO A 57 -3.89 -15.26 8.89
N TRP A 58 -3.47 -14.66 7.76
CA TRP A 58 -3.15 -13.25 7.73
C TRP A 58 -4.39 -12.44 8.10
N TRP A 59 -5.56 -12.97 7.74
CA TRP A 59 -6.80 -12.28 7.99
C TRP A 59 -7.35 -12.22 9.40
N GLU A 60 -6.72 -12.90 10.36
CA GLU A 60 -7.21 -12.82 11.73
C GLU A 60 -6.96 -11.42 12.31
N ARG A 61 -6.02 -10.69 11.71
CA ARG A 61 -5.69 -9.33 12.16
C ARG A 61 -6.78 -8.28 11.80
N TYR A 62 -7.76 -8.67 11.02
CA TYR A 62 -8.84 -7.76 10.66
C TYR A 62 -10.08 -8.11 11.49
N GLN A 63 -9.84 -8.76 12.61
CA GLN A 63 -10.87 -9.17 13.55
C GLN A 63 -10.40 -8.77 14.95
N PRO A 64 -10.63 -7.49 15.32
CA PRO A 64 -10.25 -6.91 16.59
C PRO A 64 -10.97 -7.54 17.78
N VAL A 65 -10.26 -7.52 18.91
CA VAL A 65 -10.73 -8.05 20.17
C VAL A 65 -10.66 -6.89 21.19
N SER A 66 -9.70 -6.01 20.99
CA SER A 66 -9.51 -4.84 21.86
C SER A 66 -8.55 -3.85 21.19
N TYR A 67 -8.28 -2.75 21.88
CA TYR A 67 -7.40 -1.75 21.34
C TYR A 67 -6.02 -1.75 21.99
N LYS A 68 -5.70 -2.85 22.67
CA LYS A 68 -4.38 -3.04 23.29
C LYS A 68 -3.39 -3.26 22.15
N LEU A 69 -2.23 -2.61 22.22
CA LEU A 69 -1.21 -2.74 21.17
C LEU A 69 -0.40 -4.00 21.49
N CYS A 70 -1.01 -5.14 21.21
CA CYS A 70 -0.40 -6.43 21.51
C CYS A 70 -0.84 -7.46 20.46
N THR A 71 0.06 -7.72 19.51
CA THR A 71 -0.17 -8.63 18.37
C THR A 71 1.07 -9.50 18.13
N ARG A 72 1.04 -10.32 17.08
CA ARG A 72 2.18 -11.18 16.75
C ARG A 72 3.39 -10.36 16.31
N SER A 73 3.13 -9.12 15.87
CA SER A 73 4.17 -8.20 15.44
C SER A 73 4.94 -7.67 16.66
N GLY A 74 4.30 -7.67 17.81
CA GLY A 74 4.97 -7.21 19.01
C GLY A 74 4.06 -6.57 20.04
N ASN A 75 4.63 -6.20 21.17
CA ASN A 75 3.87 -5.53 22.25
C ASN A 75 3.95 -4.01 22.12
N GLU A 76 3.35 -3.30 23.09
CA GLU A 76 3.32 -1.83 23.04
C GLU A 76 4.68 -1.16 23.02
N ASP A 77 5.58 -1.63 23.88
CA ASP A 77 6.93 -1.08 23.97
C ASP A 77 7.70 -1.19 22.65
N GLU A 78 7.54 -2.33 22.00
CA GLU A 78 8.19 -2.61 20.74
C GLU A 78 7.61 -1.69 19.67
N PHE A 79 6.30 -1.44 19.75
CA PHE A 79 5.63 -0.55 18.81
C PHE A 79 6.14 0.86 19.01
N ARG A 80 6.17 1.32 20.26
CA ARG A 80 6.66 2.67 20.61
C ARG A 80 8.12 2.88 20.18
N ASN A 81 8.93 1.86 20.41
CA ASN A 81 10.34 1.88 20.07
C ASN A 81 10.50 2.03 18.55
N MET A 82 9.68 1.31 17.79
CA MET A 82 9.74 1.37 16.35
C MET A 82 9.38 2.75 15.84
N VAL A 83 8.28 3.31 16.32
CA VAL A 83 7.84 4.64 15.87
C VAL A 83 8.89 5.71 16.14
N THR A 84 9.53 5.59 17.30
CA THR A 84 10.55 6.54 17.70
C THR A 84 11.80 6.43 16.83
N ARG A 85 12.34 5.23 16.68
CA ARG A 85 13.54 5.02 15.87
C ARG A 85 13.27 5.42 14.45
N CYS A 86 12.10 5.07 13.91
CA CYS A 86 11.77 5.43 12.54
C CYS A 86 11.64 6.94 12.34
N ASN A 87 10.92 7.60 13.23
CA ASN A 87 10.74 9.03 13.16
C ASN A 87 12.06 9.75 13.28
N ASN A 88 12.93 9.21 14.13
CA ASN A 88 14.25 9.80 14.32
C ASN A 88 15.13 9.75 13.09
N VAL A 89 14.79 8.88 12.13
CA VAL A 89 15.56 8.82 10.91
C VAL A 89 14.77 9.32 9.73
N GLY A 90 13.64 9.97 10.02
CA GLY A 90 12.81 10.54 8.97
C GLY A 90 11.87 9.63 8.18
N VAL A 91 11.55 8.47 8.74
CA VAL A 91 10.66 7.54 8.06
C VAL A 91 9.40 7.45 8.88
N ARG A 92 8.27 7.83 8.26
CA ARG A 92 6.97 7.84 8.93
C ARG A 92 6.26 6.49 9.06
N ILE A 93 5.36 6.39 10.03
CA ILE A 93 4.61 5.16 10.27
C ILE A 93 3.13 5.44 10.09
N TYR A 94 2.48 4.64 9.26
CA TYR A 94 1.05 4.81 9.05
C TYR A 94 0.40 3.53 9.55
N VAL A 95 -0.56 3.68 10.45
CA VAL A 95 -1.24 2.54 11.04
C VAL A 95 -2.52 2.11 10.31
N ASP A 96 -2.64 0.80 10.12
CA ASP A 96 -3.83 0.24 9.49
C ASP A 96 -4.89 0.25 10.59
N ALA A 97 -5.84 1.17 10.50
CA ALA A 97 -6.89 1.28 11.50
C ALA A 97 -8.14 0.49 11.14
N VAL A 98 -8.36 -0.58 11.90
CA VAL A 98 -9.51 -1.48 11.72
C VAL A 98 -10.56 -0.99 12.73
N ILE A 99 -11.46 -0.11 12.26
CA ILE A 99 -12.48 0.51 13.11
C ILE A 99 -13.96 0.29 12.74
N ASN A 100 -14.24 -0.40 11.64
CA ASN A 100 -15.62 -0.62 11.24
C ASN A 100 -16.22 -1.80 11.97
N HIS A 101 -15.39 -2.67 12.53
CA HIS A 101 -15.96 -3.84 13.18
C HIS A 101 -15.05 -4.40 14.22
N MET A 102 -15.55 -5.45 14.86
CA MET A 102 -14.80 -6.22 15.84
C MET A 102 -14.67 -7.58 15.13
N CYS A 103 -14.67 -8.69 15.86
CA CYS A 103 -14.51 -10.00 15.21
C CYS A 103 -15.77 -10.61 14.58
N GLY A 104 -15.63 -11.80 14.04
CA GLY A 104 -16.76 -12.49 13.44
C GLY A 104 -17.74 -12.90 14.52
N ASN A 105 -19.01 -12.63 14.30
CA ASN A 105 -20.07 -12.96 15.25
C ASN A 105 -20.12 -14.48 15.60
N ALA A 106 -19.50 -15.31 14.75
CA ALA A 106 -19.49 -16.76 14.94
C ALA A 106 -18.18 -17.36 15.50
N VAL A 107 -17.30 -16.52 16.03
CA VAL A 107 -16.06 -17.01 16.61
C VAL A 107 -16.41 -17.42 18.05
N SER A 108 -15.73 -18.43 18.59
CA SER A 108 -16.00 -18.89 19.96
C SER A 108 -15.51 -17.91 21.00
N ALA A 109 -16.32 -17.74 22.06
CA ALA A 109 -16.00 -16.84 23.18
C ALA A 109 -14.88 -17.43 24.01
N GLY A 110 -14.16 -16.58 24.72
CA GLY A 110 -13.06 -17.02 25.55
C GLY A 110 -11.86 -16.09 25.45
N THR A 111 -10.65 -16.65 25.49
CA THR A 111 -9.44 -15.84 25.41
C THR A 111 -8.47 -16.21 24.28
N SER A 112 -9.02 -16.70 23.16
CA SER A 112 -8.18 -17.03 22.02
C SER A 112 -7.91 -15.72 21.28
N SER A 113 -7.09 -14.87 21.89
CA SER A 113 -6.74 -13.57 21.34
C SER A 113 -5.24 -13.37 21.51
N THR A 114 -4.64 -12.53 20.65
CA THR A 114 -3.20 -12.30 20.68
C THR A 114 -2.64 -11.74 21.99
N CYS A 115 -3.49 -11.11 22.80
CA CYS A 115 -3.04 -10.59 24.09
C CYS A 115 -3.78 -11.26 25.24
N GLY A 116 -4.52 -12.31 24.94
CA GLY A 116 -5.20 -13.02 26.01
C GLY A 116 -6.45 -12.37 26.58
N SER A 117 -6.89 -11.27 25.99
CA SER A 117 -8.10 -10.59 26.46
C SER A 117 -9.34 -11.46 26.26
N TYR A 118 -10.26 -11.39 27.20
CA TYR A 118 -11.48 -12.16 27.08
C TYR A 118 -12.47 -11.46 26.16
N PHE A 119 -13.18 -12.26 25.38
CA PHE A 119 -14.19 -11.73 24.47
C PHE A 119 -15.30 -12.76 24.26
N ASN A 120 -16.51 -12.27 24.00
CA ASN A 120 -17.64 -13.15 23.76
C ASN A 120 -18.46 -12.60 22.60
N PRO A 121 -18.14 -13.07 21.38
CA PRO A 121 -18.83 -12.64 20.16
C PRO A 121 -20.34 -12.86 20.27
N GLY A 122 -20.72 -14.00 20.82
CA GLY A 122 -22.13 -14.36 20.95
C GLY A 122 -23.00 -13.35 21.68
N SER A 123 -22.50 -12.85 22.80
CA SER A 123 -23.22 -11.86 23.64
C SER A 123 -22.76 -10.44 23.37
N ARG A 124 -21.87 -10.30 22.38
CA ARG A 124 -21.30 -9.02 21.97
C ARG A 124 -20.57 -8.30 23.10
N ASP A 125 -19.93 -9.08 23.96
CA ASP A 125 -19.16 -8.51 25.06
C ASP A 125 -17.66 -8.51 24.78
N PHE A 126 -17.13 -7.32 24.58
CA PHE A 126 -15.71 -7.11 24.35
C PHE A 126 -15.31 -6.26 25.53
N PRO A 127 -15.18 -6.91 26.70
CA PRO A 127 -14.81 -6.27 27.96
C PRO A 127 -13.48 -5.55 28.03
N ALA A 128 -12.60 -5.78 27.06
CA ALA A 128 -11.29 -5.13 27.08
C ALA A 128 -11.36 -3.65 26.68
N VAL A 129 -12.37 -3.30 25.87
CA VAL A 129 -12.54 -1.94 25.39
C VAL A 129 -13.04 -0.92 26.43
N PRO A 130 -14.27 -1.10 26.97
CA PRO A 130 -15.27 -2.13 26.68
C PRO A 130 -16.41 -1.77 25.77
N TYR A 131 -16.89 -2.77 25.05
CA TYR A 131 -18.02 -2.62 24.16
C TYR A 131 -19.02 -3.68 24.65
N SER A 132 -20.31 -3.44 24.42
CA SER A 132 -21.34 -4.39 24.79
C SER A 132 -22.32 -4.47 23.63
N GLY A 133 -23.38 -5.26 23.81
CA GLY A 133 -24.38 -5.44 22.77
C GLY A 133 -24.98 -4.15 22.26
N TRP A 134 -25.02 -3.17 23.15
CA TRP A 134 -25.55 -1.85 22.86
C TRP A 134 -24.70 -1.01 21.90
N ASP A 135 -23.48 -1.47 21.60
CA ASP A 135 -22.58 -0.72 20.72
C ASP A 135 -22.48 -1.25 19.28
N PHE A 136 -23.31 -2.22 18.93
CA PHE A 136 -23.28 -2.80 17.58
C PHE A 136 -24.51 -2.43 16.74
N ASN A 137 -24.45 -2.68 15.43
CA ASN A 137 -25.54 -2.34 14.53
C ASN A 137 -26.60 -3.41 14.31
N ASP A 138 -26.65 -4.38 15.22
CA ASP A 138 -27.62 -5.48 15.12
C ASP A 138 -29.05 -5.02 14.91
N GLY A 139 -29.47 -4.02 15.69
CA GLY A 139 -30.82 -3.50 15.57
C GLY A 139 -31.02 -2.59 14.37
N LYS A 140 -29.92 -2.18 13.74
CA LYS A 140 -29.95 -1.29 12.58
C LYS A 140 -30.10 -2.05 11.29
N CYS A 141 -29.26 -3.08 11.14
CA CYS A 141 -29.26 -3.89 9.94
C CYS A 141 -30.65 -4.46 9.70
N LYS A 142 -31.07 -4.42 8.45
CA LYS A 142 -32.39 -4.91 8.09
C LYS A 142 -32.37 -6.04 7.06
N THR A 143 -31.24 -6.76 7.03
CA THR A 143 -31.10 -7.90 6.13
C THR A 143 -31.53 -9.13 6.92
N GLY A 144 -31.99 -10.15 6.21
CA GLY A 144 -32.41 -11.36 6.87
C GLY A 144 -31.25 -11.95 7.65
N SER A 145 -30.14 -12.15 6.96
CA SER A 145 -28.95 -12.75 7.56
C SER A 145 -28.19 -11.85 8.54
N GLY A 146 -28.50 -10.57 8.56
CA GLY A 146 -27.79 -9.64 9.43
C GLY A 146 -26.48 -9.23 8.78
N ASP A 147 -26.21 -9.81 7.61
CA ASP A 147 -25.00 -9.56 6.82
C ASP A 147 -25.35 -8.78 5.57
N ILE A 148 -24.33 -8.21 4.93
CA ILE A 148 -24.49 -7.48 3.69
C ILE A 148 -24.79 -8.52 2.60
N GLU A 149 -25.93 -8.34 1.97
CA GLU A 149 -26.39 -9.20 0.91
C GLU A 149 -26.47 -8.44 -0.41
N ASN A 150 -26.72 -7.13 -0.32
CA ASN A 150 -26.85 -6.32 -1.52
C ASN A 150 -26.01 -5.06 -1.50
N TYR A 151 -25.00 -5.06 -2.36
CA TYR A 151 -24.10 -3.94 -2.49
C TYR A 151 -24.70 -2.77 -3.26
N ASN A 152 -25.87 -2.99 -3.87
CA ASN A 152 -26.55 -1.91 -4.58
C ASN A 152 -27.34 -1.09 -3.54
N ASP A 153 -27.38 -1.59 -2.31
CA ASP A 153 -28.06 -0.89 -1.22
C ASP A 153 -26.98 -0.32 -0.30
N ALA A 154 -26.83 1.00 -0.37
CA ALA A 154 -25.83 1.74 0.41
C ALA A 154 -25.96 1.64 1.92
N THR A 155 -27.20 1.66 2.42
CA THR A 155 -27.45 1.58 3.86
C THR A 155 -27.04 0.21 4.40
N GLN A 156 -27.30 -0.81 3.59
CA GLN A 156 -26.97 -2.20 3.93
C GLN A 156 -25.46 -2.32 4.05
N VAL A 157 -24.75 -1.81 3.04
CA VAL A 157 -23.29 -1.84 3.01
C VAL A 157 -22.68 -1.23 4.29
N ARG A 158 -23.33 -0.20 4.85
CA ARG A 158 -22.87 0.45 6.06
C ARG A 158 -23.36 -0.05 7.42
N ASP A 159 -24.60 -0.54 7.49
CA ASP A 159 -25.16 -1.00 8.77
C ASP A 159 -25.17 -2.49 9.03
N CYS A 160 -24.92 -3.28 8.00
CA CYS A 160 -24.89 -4.72 8.14
C CYS A 160 -23.47 -5.27 8.21
N ARG A 161 -23.34 -6.52 8.65
CA ARG A 161 -22.03 -7.14 8.80
C ARG A 161 -21.36 -7.50 7.49
N LEU A 162 -20.13 -7.04 7.34
CA LEU A 162 -19.35 -7.37 6.17
C LEU A 162 -18.82 -8.79 6.43
N THR A 163 -19.31 -9.78 5.69
CA THR A 163 -18.80 -11.14 5.87
C THR A 163 -18.96 -11.62 7.33
N GLY A 164 -20.02 -11.17 7.98
CA GLY A 164 -20.27 -11.58 9.35
C GLY A 164 -19.48 -10.94 10.47
N LEU A 165 -18.70 -9.91 10.17
CA LEU A 165 -17.92 -9.22 11.21
C LEU A 165 -18.86 -8.30 12.00
N LEU A 166 -18.77 -8.34 13.32
CA LEU A 166 -19.60 -7.50 14.20
C LEU A 166 -19.42 -6.01 13.89
N ASP A 167 -20.44 -5.44 13.24
CA ASP A 167 -20.44 -4.04 12.83
C ASP A 167 -20.68 -3.06 13.98
N LEU A 168 -19.75 -2.13 14.18
CA LEU A 168 -19.86 -1.13 15.26
C LEU A 168 -20.85 0.01 14.95
N ALA A 169 -21.53 0.50 15.98
CA ALA A 169 -22.49 1.58 15.80
C ALA A 169 -21.73 2.89 15.87
N LEU A 170 -21.08 3.25 14.76
CA LEU A 170 -20.25 4.45 14.71
C LEU A 170 -20.97 5.79 14.84
N GLU A 171 -22.29 5.78 14.95
CA GLU A 171 -23.01 7.05 15.09
C GLU A 171 -23.07 7.46 16.55
N LYS A 172 -22.79 6.50 17.42
CA LYS A 172 -22.79 6.68 18.87
C LYS A 172 -21.54 7.39 19.30
N ASP A 173 -21.71 8.41 20.15
CA ASP A 173 -20.56 9.15 20.60
C ASP A 173 -19.61 8.34 21.47
N TYR A 174 -20.13 7.36 22.20
CA TYR A 174 -19.29 6.52 23.05
C TYR A 174 -18.34 5.69 22.18
N VAL A 175 -18.89 5.10 21.12
CA VAL A 175 -18.08 4.28 20.23
C VAL A 175 -17.07 5.15 19.53
N ARG A 176 -17.51 6.30 19.03
CA ARG A 176 -16.64 7.25 18.34
C ARG A 176 -15.49 7.64 19.27
N SER A 177 -15.81 7.83 20.53
CA SER A 177 -14.83 8.21 21.53
C SER A 177 -13.78 7.15 21.82
N LYS A 178 -14.20 5.89 21.85
CA LYS A 178 -13.30 4.77 22.12
C LYS A 178 -12.30 4.60 20.99
N ILE A 179 -12.79 4.77 19.77
CA ILE A 179 -11.95 4.67 18.60
C ILE A 179 -10.98 5.84 18.59
N ALA A 180 -11.49 7.04 18.84
CA ALA A 180 -10.65 8.23 18.86
C ALA A 180 -9.59 8.14 19.94
N GLU A 181 -9.93 7.47 21.04
CA GLU A 181 -9.00 7.28 22.15
C GLU A 181 -7.81 6.43 21.70
N TYR A 182 -8.11 5.34 20.99
CA TYR A 182 -7.13 4.41 20.45
C TYR A 182 -6.24 5.18 19.48
N MET A 183 -6.87 5.84 18.52
CA MET A 183 -6.15 6.63 17.51
C MET A 183 -5.29 7.71 18.11
N ASN A 184 -5.76 8.39 19.14
CA ASN A 184 -4.99 9.45 19.80
C ASN A 184 -3.77 8.91 20.55
N HIS A 185 -3.86 7.66 21.02
CA HIS A 185 -2.77 6.99 21.72
C HIS A 185 -1.68 6.80 20.69
N LEU A 186 -2.07 6.40 19.49
CA LEU A 186 -1.15 6.17 18.39
C LEU A 186 -0.55 7.47 17.89
N ILE A 187 -1.37 8.52 17.77
CA ILE A 187 -0.88 9.81 17.32
C ILE A 187 0.22 10.32 18.26
N ASP A 188 -0.02 10.25 19.55
CA ASP A 188 0.95 10.72 20.54
C ASP A 188 2.24 9.94 20.55
N ILE A 189 2.17 8.66 20.22
CA ILE A 189 3.37 7.82 20.17
C ILE A 189 4.20 8.34 19.01
N GLY A 190 3.52 8.91 18.01
CA GLY A 190 4.23 9.46 16.87
C GLY A 190 3.82 9.06 15.46
N VAL A 191 2.69 8.38 15.29
CA VAL A 191 2.29 7.99 13.95
C VAL A 191 1.86 9.21 13.13
N ALA A 192 2.16 9.15 11.84
CA ALA A 192 1.87 10.25 10.92
C ALA A 192 0.52 10.18 10.23
N GLY A 193 -0.16 9.05 10.33
CA GLY A 193 -1.44 8.92 9.66
C GLY A 193 -2.05 7.53 9.69
N PHE A 194 -3.15 7.35 8.98
CA PHE A 194 -3.83 6.08 8.98
C PHE A 194 -4.45 5.65 7.68
N ARG A 195 -4.52 4.34 7.54
CA ARG A 195 -5.19 3.71 6.42
C ARG A 195 -6.51 3.32 7.10
N LEU A 196 -7.63 3.85 6.66
CA LEU A 196 -8.90 3.50 7.28
C LEU A 196 -9.52 2.29 6.57
N ASP A 197 -9.37 1.13 7.20
CA ASP A 197 -9.87 -0.15 6.70
C ASP A 197 -11.37 -0.18 6.49
N ALA A 198 -11.78 -0.74 5.34
CA ALA A 198 -13.19 -0.87 4.99
C ALA A 198 -14.01 0.43 5.14
N SER A 199 -13.51 1.54 4.58
CA SER A 199 -14.20 2.82 4.66
C SER A 199 -15.53 2.82 3.92
N LYS A 200 -15.65 1.97 2.91
CA LYS A 200 -16.89 1.88 2.13
C LYS A 200 -18.02 1.43 3.05
N HIS A 201 -17.66 0.68 4.07
CA HIS A 201 -18.61 0.15 5.00
C HIS A 201 -18.96 1.06 6.13
N MET A 202 -18.46 2.28 6.07
CA MET A 202 -18.75 3.29 7.10
C MET A 202 -19.28 4.54 6.41
N TRP A 203 -20.15 5.28 7.10
CA TRP A 203 -20.74 6.50 6.56
C TRP A 203 -19.67 7.57 6.56
N PRO A 204 -19.56 8.36 5.48
CA PRO A 204 -18.52 9.41 5.46
C PRO A 204 -18.61 10.28 6.72
N GLY A 205 -19.83 10.59 7.12
CA GLY A 205 -20.06 11.40 8.30
C GLY A 205 -19.60 10.83 9.64
N ASP A 206 -19.65 9.51 9.81
CA ASP A 206 -19.20 8.91 11.06
C ASP A 206 -17.68 8.96 11.11
N ILE A 207 -17.07 8.79 9.95
CA ILE A 207 -15.62 8.86 9.85
C ILE A 207 -15.23 10.27 10.23
N LYS A 208 -15.95 11.26 9.69
CA LYS A 208 -15.69 12.68 10.00
C LYS A 208 -15.78 12.91 11.51
N ALA A 209 -16.84 12.39 12.12
CA ALA A 209 -17.07 12.52 13.56
C ALA A 209 -15.90 12.00 14.41
N ILE A 210 -15.29 10.90 13.99
CA ILE A 210 -14.16 10.32 14.72
C ILE A 210 -12.92 11.18 14.51
N LEU A 211 -12.74 11.67 13.29
CA LEU A 211 -11.58 12.48 12.93
C LEU A 211 -11.57 13.81 13.66
N ASP A 212 -12.75 14.35 13.95
CA ASP A 212 -12.87 15.63 14.67
C ASP A 212 -12.33 15.53 16.07
N LYS A 213 -12.33 14.32 16.60
CA LYS A 213 -11.86 14.06 17.94
C LYS A 213 -10.36 13.81 18.06
N LEU A 214 -9.63 13.86 16.95
CA LEU A 214 -8.19 13.60 16.96
C LEU A 214 -7.25 14.78 17.28
N HIS A 215 -6.14 14.46 17.92
CA HIS A 215 -5.10 15.43 18.26
C HIS A 215 -4.32 15.72 16.98
N ASN A 216 -3.46 16.73 17.04
CA ASN A 216 -2.58 17.08 15.94
C ASN A 216 -1.39 16.14 16.15
N LEU A 217 -0.54 16.03 15.15
CA LEU A 217 0.61 15.15 15.23
C LEU A 217 1.61 15.57 16.31
N ASN A 218 2.36 14.61 16.82
CA ASN A 218 3.35 14.83 17.86
C ASN A 218 4.29 15.98 17.51
N SER A 219 4.28 17.02 18.33
CA SER A 219 5.09 18.20 18.10
C SER A 219 6.61 18.05 18.17
N ASN A 220 7.10 16.89 18.63
CA ASN A 220 8.53 16.65 18.67
C ASN A 220 9.07 16.35 17.28
N TRP A 221 8.20 15.84 16.41
CA TRP A 221 8.60 15.52 15.05
C TRP A 221 7.89 16.27 13.96
N PHE A 222 6.71 16.77 14.25
CA PHE A 222 5.95 17.48 13.23
C PHE A 222 5.71 18.93 13.59
N PRO A 223 5.48 19.77 12.57
CA PRO A 223 5.22 21.20 12.78
C PRO A 223 3.88 21.33 13.50
N ALA A 224 3.72 22.38 14.31
CA ALA A 224 2.48 22.56 15.02
C ALA A 224 1.33 22.70 14.03
N GLY A 225 0.18 22.12 14.41
CA GLY A 225 -1.00 22.19 13.56
C GLY A 225 -1.04 21.09 12.51
N SER A 226 -0.12 20.14 12.59
CA SER A 226 -0.09 19.03 11.65
C SER A 226 -1.23 18.06 11.91
N LYS A 227 -1.94 17.70 10.85
CA LYS A 227 -3.05 16.77 10.93
C LYS A 227 -2.61 15.44 10.33
N PRO A 228 -3.08 14.33 10.91
CA PRO A 228 -2.70 13.00 10.41
C PRO A 228 -3.18 12.79 8.98
N PHE A 229 -2.34 12.14 8.17
CA PHE A 229 -2.63 11.83 6.77
C PHE A 229 -3.67 10.72 6.81
N ILE A 230 -4.76 10.89 6.07
CA ILE A 230 -5.79 9.87 6.07
C ILE A 230 -6.04 9.35 4.66
N TYR A 231 -5.97 8.05 4.49
CA TYR A 231 -6.30 7.46 3.20
C TYR A 231 -7.28 6.35 3.52
N GLN A 232 -8.42 6.42 2.86
CA GLN A 232 -9.52 5.49 3.09
C GLN A 232 -9.62 4.38 2.08
N GLU A 233 -9.75 3.16 2.57
CA GLU A 233 -9.89 2.00 1.69
C GLU A 233 -11.33 1.89 1.13
N VAL A 234 -11.56 2.42 -0.07
CA VAL A 234 -12.87 2.31 -0.68
C VAL A 234 -12.66 1.65 -2.02
N ILE A 235 -13.19 0.42 -2.18
CA ILE A 235 -13.07 -0.26 -3.45
C ILE A 235 -14.14 0.29 -4.38
N ASP A 236 -13.75 1.18 -5.27
CA ASP A 236 -14.72 1.78 -6.16
C ASP A 236 -14.40 1.61 -7.64
N LEU A 237 -14.79 0.50 -8.21
CA LEU A 237 -14.63 0.29 -9.63
C LEU A 237 -16.04 0.86 -10.04
N GLY A 238 -16.39 0.90 -11.29
CA GLY A 238 -17.68 1.48 -11.64
C GLY A 238 -18.85 0.67 -11.03
N GLY A 239 -20.06 1.13 -11.21
CA GLY A 239 -21.25 0.38 -10.81
C GLY A 239 -21.75 0.22 -9.39
N GLU A 240 -21.59 1.21 -8.53
CA GLU A 240 -22.08 1.14 -7.15
C GLU A 240 -22.67 2.43 -6.66
N PRO A 241 -23.64 2.35 -5.75
CA PRO A 241 -24.25 3.56 -5.20
C PRO A 241 -23.25 4.42 -4.40
N ILE A 242 -22.24 3.78 -3.83
CA ILE A 242 -21.21 4.47 -3.07
C ILE A 242 -20.09 4.81 -4.01
N LYS A 243 -19.79 6.11 -4.08
CA LYS A 243 -18.71 6.62 -4.93
C LYS A 243 -17.54 7.00 -4.01
N SER A 244 -16.31 6.88 -4.50
CA SER A 244 -15.15 7.25 -3.67
C SER A 244 -15.17 8.76 -3.39
N SER A 245 -15.75 9.54 -4.28
CA SER A 245 -15.83 10.98 -4.11
C SER A 245 -16.57 11.37 -2.82
N ASP A 246 -17.43 10.48 -2.34
CA ASP A 246 -18.18 10.71 -1.11
C ASP A 246 -17.24 10.81 0.09
N TYR A 247 -16.00 10.36 -0.08
CA TYR A 247 -15.05 10.38 1.03
C TYR A 247 -13.95 11.44 0.94
N PHE A 248 -13.94 12.26 -0.12
CA PHE A 248 -12.89 13.27 -0.28
C PHE A 248 -12.78 14.26 0.89
N GLY A 249 -13.88 14.50 1.59
CA GLY A 249 -13.87 15.43 2.70
C GLY A 249 -13.01 15.01 3.88
N ASN A 250 -12.84 13.70 4.03
CA ASN A 250 -12.05 13.10 5.12
C ASN A 250 -10.58 12.88 4.83
N GLY A 251 -10.22 12.83 3.54
CA GLY A 251 -8.83 12.62 3.18
C GLY A 251 -8.75 11.95 1.83
N ARG A 252 -7.62 11.29 1.56
CA ARG A 252 -7.41 10.60 0.29
C ARG A 252 -8.13 9.27 0.29
N VAL A 253 -8.25 8.68 -0.89
CA VAL A 253 -8.89 7.39 -1.06
C VAL A 253 -8.04 6.48 -1.94
N THR A 254 -8.10 5.19 -1.67
CA THR A 254 -7.37 4.19 -2.45
C THR A 254 -7.99 4.12 -3.85
N GLU A 255 -7.18 4.26 -4.89
CA GLU A 255 -7.72 4.20 -6.25
C GLU A 255 -7.48 2.80 -6.77
N PHE A 256 -8.47 1.91 -6.60
CA PHE A 256 -8.36 0.53 -7.05
C PHE A 256 -8.42 0.29 -8.57
N LYS A 257 -8.86 1.29 -9.33
CA LYS A 257 -8.93 1.14 -10.78
C LYS A 257 -7.53 1.22 -11.37
N TYR A 258 -6.63 1.86 -10.63
CA TYR A 258 -5.25 2.06 -11.04
C TYR A 258 -4.51 0.76 -11.35
N GLY A 259 -4.40 -0.11 -10.36
CA GLY A 259 -3.70 -1.36 -10.55
C GLY A 259 -4.43 -2.35 -11.43
N ALA A 260 -5.76 -2.28 -11.40
CA ALA A 260 -6.59 -3.17 -12.21
C ALA A 260 -6.41 -2.86 -13.69
N LYS A 261 -6.39 -1.57 -14.02
CA LYS A 261 -6.20 -1.15 -15.40
C LYS A 261 -4.77 -1.26 -15.87
N LEU A 262 -3.81 -0.96 -15.00
CA LEU A 262 -2.40 -1.05 -15.36
C LEU A 262 -2.05 -2.51 -15.65
N GLY A 263 -2.65 -3.43 -14.91
CA GLY A 263 -2.37 -4.85 -15.10
C GLY A 263 -2.83 -5.38 -16.45
N THR A 264 -4.02 -4.95 -16.85
CA THR A 264 -4.60 -5.36 -18.11
C THR A 264 -3.73 -4.85 -19.24
N VAL A 265 -3.27 -3.62 -19.10
CA VAL A 265 -2.42 -2.99 -20.09
C VAL A 265 -1.03 -3.66 -20.21
N ILE A 266 -0.33 -3.89 -19.10
CA ILE A 266 0.98 -4.52 -19.15
C ILE A 266 0.88 -5.99 -19.63
N ARG A 267 -0.20 -6.66 -19.27
CA ARG A 267 -0.45 -8.03 -19.68
C ARG A 267 -0.92 -8.05 -21.13
N LYS A 268 -1.25 -6.88 -21.65
CA LYS A 268 -1.72 -6.71 -23.04
C LYS A 268 -3.02 -7.45 -23.31
N TRP A 269 -3.88 -7.45 -22.31
CA TRP A 269 -5.16 -8.13 -22.42
C TRP A 269 -6.22 -7.16 -22.91
N ASN A 270 -7.40 -7.70 -23.22
CA ASN A 270 -8.54 -6.92 -23.66
C ASN A 270 -8.22 -5.89 -24.75
N GLY A 271 -7.19 -6.17 -25.54
CA GLY A 271 -6.81 -5.28 -26.62
C GLY A 271 -6.18 -3.99 -26.17
N GLU A 272 -5.70 -3.99 -24.93
CA GLU A 272 -5.03 -2.83 -24.35
C GLU A 272 -3.57 -2.84 -24.78
N LYS A 273 -2.97 -1.65 -24.88
CA LYS A 273 -1.57 -1.49 -25.23
C LYS A 273 -0.97 -0.26 -24.56
N MET A 274 0.33 -0.33 -24.25
CA MET A 274 1.03 0.76 -23.56
C MET A 274 0.94 2.14 -24.19
N SER A 275 0.71 2.22 -25.50
CA SER A 275 0.62 3.52 -26.15
C SER A 275 -0.62 4.26 -25.67
N TYR A 276 -1.60 3.52 -25.13
CA TYR A 276 -2.85 4.09 -24.61
C TYR A 276 -2.63 4.84 -23.27
N LEU A 277 -1.44 4.71 -22.68
CA LEU A 277 -1.13 5.33 -21.39
C LEU A 277 -0.68 6.78 -21.49
N LYS A 278 -0.75 7.33 -22.71
CA LYS A 278 -0.37 8.72 -23.00
C LYS A 278 -1.21 9.69 -22.16
N ASN A 279 -2.44 9.33 -21.85
CA ASN A 279 -3.31 10.18 -21.05
C ASN A 279 -3.68 9.56 -19.70
N TRP A 280 -2.85 8.64 -19.22
CA TRP A 280 -3.02 7.95 -17.95
C TRP A 280 -3.29 8.95 -16.83
N GLY A 281 -4.18 8.59 -15.90
CA GLY A 281 -4.52 9.46 -14.79
C GLY A 281 -6.01 9.68 -14.77
N GLU A 282 -6.44 10.92 -14.53
CA GLU A 282 -7.86 11.27 -14.49
C GLU A 282 -8.49 11.02 -15.85
N GLY A 283 -7.66 11.05 -16.88
CA GLY A 283 -8.13 10.79 -18.23
C GLY A 283 -8.71 9.40 -18.37
N TRP A 284 -8.36 8.53 -17.43
CA TRP A 284 -8.84 7.15 -17.40
C TRP A 284 -10.03 6.97 -16.48
N GLY A 285 -10.60 8.08 -16.02
CA GLY A 285 -11.75 8.02 -15.13
C GLY A 285 -11.40 7.83 -13.67
N PHE A 286 -10.13 8.02 -13.32
CA PHE A 286 -9.66 7.88 -11.93
C PHE A 286 -9.98 9.16 -11.16
N VAL A 287 -9.90 9.10 -9.83
CA VAL A 287 -10.17 10.27 -8.96
C VAL A 287 -9.07 11.33 -9.15
N PRO A 288 -9.30 12.57 -8.67
CA PRO A 288 -8.27 13.60 -8.82
C PRO A 288 -6.95 13.12 -8.24
N SER A 289 -5.87 13.40 -8.93
CA SER A 289 -4.52 13.02 -8.50
C SER A 289 -4.25 13.44 -7.06
N ASP A 290 -4.79 14.59 -6.66
CA ASP A 290 -4.58 15.11 -5.30
C ASP A 290 -5.34 14.38 -4.19
N ARG A 291 -6.20 13.43 -4.58
CA ARG A 291 -6.97 12.65 -3.62
C ARG A 291 -6.73 11.15 -3.74
N ALA A 292 -5.75 10.76 -4.57
CA ALA A 292 -5.44 9.36 -4.79
C ALA A 292 -4.24 8.77 -4.07
N LEU A 293 -4.36 7.50 -3.71
CA LEU A 293 -3.30 6.72 -3.07
C LEU A 293 -3.28 5.54 -4.05
N VAL A 294 -2.21 5.44 -4.83
CA VAL A 294 -2.09 4.40 -5.86
C VAL A 294 -1.10 3.29 -5.53
N PHE A 295 -1.31 2.15 -6.17
CA PHE A 295 -0.49 0.97 -5.97
C PHE A 295 -0.82 -0.04 -7.06
N VAL A 296 0.11 -0.94 -7.35
CA VAL A 296 -0.09 -1.95 -8.36
C VAL A 296 -0.92 -3.07 -7.74
N ASP A 297 -0.53 -3.51 -6.55
CA ASP A 297 -1.24 -4.55 -5.83
C ASP A 297 -1.21 -4.26 -4.32
N ASN A 298 -2.14 -4.85 -3.60
CA ASN A 298 -2.17 -4.68 -2.15
C ASN A 298 -2.30 -6.07 -1.54
N HIS A 299 -2.29 -6.14 -0.22
CA HIS A 299 -2.35 -7.41 0.48
C HIS A 299 -3.51 -8.32 0.16
N ASP A 300 -4.67 -7.76 -0.15
CA ASP A 300 -5.85 -8.58 -0.48
C ASP A 300 -5.84 -9.09 -1.92
N ASN A 301 -5.74 -8.16 -2.88
CA ASN A 301 -5.80 -8.53 -4.27
C ASN A 301 -4.58 -9.26 -4.89
N GLN A 302 -3.43 -9.29 -4.20
CA GLN A 302 -2.28 -10.06 -4.73
C GLN A 302 -2.54 -11.54 -4.41
N ARG A 303 -3.67 -11.80 -3.74
CA ARG A 303 -4.13 -13.11 -3.26
C ARG A 303 -5.44 -13.61 -3.78
N GLY A 304 -6.20 -12.72 -4.39
CA GLY A 304 -7.52 -13.08 -4.87
C GLY A 304 -8.58 -12.45 -4.02
N HIS A 305 -8.20 -11.90 -2.86
CA HIS A 305 -9.15 -11.21 -2.00
C HIS A 305 -9.37 -9.80 -2.52
N GLY A 306 -10.41 -9.14 -2.02
CA GLY A 306 -10.72 -7.78 -2.45
C GLY A 306 -11.14 -7.67 -3.90
N ALA A 307 -10.56 -6.71 -4.62
CA ALA A 307 -10.88 -6.48 -6.03
C ALA A 307 -9.67 -6.21 -6.95
N GLY A 308 -9.81 -6.69 -8.18
CA GLY A 308 -8.79 -6.54 -9.19
C GLY A 308 -8.86 -7.74 -10.12
N GLY A 309 -9.01 -8.92 -9.52
CA GLY A 309 -9.10 -10.14 -10.30
C GLY A 309 -7.78 -10.69 -10.78
N ALA A 310 -7.84 -11.38 -11.91
CA ALA A 310 -6.67 -12.00 -12.52
C ALA A 310 -5.66 -11.05 -13.15
N SER A 311 -6.13 -9.87 -13.53
CA SER A 311 -5.25 -8.87 -14.14
C SER A 311 -4.18 -8.28 -13.20
N ILE A 312 -4.42 -8.34 -11.90
CA ILE A 312 -3.49 -7.81 -10.92
C ILE A 312 -2.11 -8.44 -11.04
N LEU A 313 -1.08 -7.60 -11.14
CA LEU A 313 0.30 -8.08 -11.21
C LEU A 313 0.84 -8.17 -9.79
N THR A 314 1.60 -9.22 -9.53
CA THR A 314 2.15 -9.50 -8.21
C THR A 314 3.62 -9.88 -8.33
N PHE A 315 4.31 -10.04 -7.19
CA PHE A 315 5.71 -10.46 -7.18
C PHE A 315 5.90 -11.81 -7.90
N TRP A 316 4.82 -12.58 -8.03
CA TRP A 316 4.83 -13.87 -8.72
C TRP A 316 5.16 -13.68 -10.21
N ASP A 317 4.70 -12.57 -10.79
CA ASP A 317 4.96 -12.22 -12.21
C ASP A 317 6.02 -11.14 -12.18
N ALA A 318 7.14 -11.46 -11.57
CA ALA A 318 8.26 -10.55 -11.40
C ALA A 318 8.64 -9.65 -12.58
N ARG A 319 8.80 -10.21 -13.77
CA ARG A 319 9.21 -9.38 -14.92
C ARG A 319 8.21 -8.29 -15.26
N LEU A 320 6.94 -8.65 -15.40
CA LEU A 320 5.92 -7.67 -15.72
C LEU A 320 5.64 -6.77 -14.52
N TYR A 321 5.85 -7.31 -13.33
CA TYR A 321 5.61 -6.56 -12.09
C TYR A 321 6.57 -5.40 -11.95
N LYS A 322 7.86 -5.63 -12.22
CA LYS A 322 8.87 -4.58 -12.13
C LYS A 322 8.57 -3.45 -13.10
N MET A 323 8.05 -3.79 -14.27
CA MET A 323 7.69 -2.80 -15.29
C MET A 323 6.52 -1.93 -14.87
N ALA A 324 5.50 -2.56 -14.31
CA ALA A 324 4.30 -1.88 -13.85
C ALA A 324 4.61 -0.96 -12.68
N VAL A 325 5.38 -1.47 -11.72
CA VAL A 325 5.78 -0.67 -10.57
C VAL A 325 6.66 0.50 -11.02
N GLY A 326 7.50 0.28 -12.03
CA GLY A 326 8.36 1.32 -12.56
C GLY A 326 7.56 2.41 -13.23
N PHE A 327 6.54 2.00 -13.99
CA PHE A 327 5.69 2.97 -14.68
C PHE A 327 4.96 3.80 -13.61
N MET A 328 4.46 3.14 -12.58
CA MET A 328 3.74 3.83 -11.52
C MET A 328 4.60 4.90 -10.85
N LEU A 329 5.81 4.52 -10.44
CA LEU A 329 6.74 5.43 -9.78
C LEU A 329 7.26 6.56 -10.66
N ALA A 330 7.26 6.38 -11.98
CA ALA A 330 7.76 7.45 -12.86
C ALA A 330 6.65 8.45 -13.20
N HIS A 331 5.41 7.97 -13.22
CA HIS A 331 4.23 8.78 -13.54
C HIS A 331 3.81 9.71 -12.42
N PRO A 332 3.55 10.98 -12.75
CA PRO A 332 3.15 11.93 -11.70
C PRO A 332 1.79 11.75 -10.99
N TYR A 333 0.88 10.94 -11.53
CA TYR A 333 -0.42 10.74 -10.88
C TYR A 333 -0.36 10.05 -9.51
N GLY A 334 -1.06 10.63 -8.55
CA GLY A 334 -1.17 10.08 -7.20
C GLY A 334 0.01 9.98 -6.25
N PHE A 335 -0.27 9.47 -5.05
CA PHE A 335 0.75 9.24 -4.01
C PHE A 335 0.95 7.73 -4.02
N THR A 336 2.18 7.31 -4.24
CA THR A 336 2.50 5.90 -4.39
C THR A 336 2.84 5.04 -3.19
N ARG A 337 2.20 3.88 -3.11
CA ARG A 337 2.50 2.91 -2.07
C ARG A 337 3.09 1.66 -2.75
N VAL A 338 4.24 1.24 -2.26
CA VAL A 338 4.94 0.07 -2.76
C VAL A 338 4.58 -1.13 -1.85
N MET A 339 4.44 -2.30 -2.43
CA MET A 339 4.10 -3.47 -1.65
C MET A 339 5.34 -4.33 -1.31
N SER A 340 5.37 -4.88 -0.10
CA SER A 340 6.44 -5.77 0.35
C SER A 340 5.72 -6.98 0.99
N SER A 341 5.90 -8.14 0.34
CA SER A 341 5.25 -9.40 0.70
C SER A 341 6.10 -10.54 1.27
N TYR A 342 5.43 -11.66 1.55
CA TYR A 342 6.07 -12.88 2.04
C TYR A 342 5.54 -13.97 1.10
N ARG A 343 6.35 -14.99 0.81
CA ARG A 343 5.94 -16.08 -0.05
C ARG A 343 5.11 -17.12 0.71
N TRP A 344 4.13 -17.68 0.01
CA TRP A 344 3.27 -18.71 0.58
C TRP A 344 3.12 -19.81 -0.47
N PRO A 345 2.71 -21.01 -0.04
CA PRO A 345 2.55 -22.13 -0.98
C PRO A 345 1.23 -22.05 -1.75
N ARG A 346 1.24 -21.19 -2.76
CA ARG A 346 0.09 -20.97 -3.63
C ARG A 346 -0.25 -22.32 -4.26
N GLN A 347 -1.50 -22.74 -4.10
CA GLN A 347 -1.97 -24.02 -4.60
C GLN A 347 -3.37 -23.87 -5.19
N PHE A 348 -3.42 -23.70 -6.50
CA PHE A 348 -4.67 -23.51 -7.23
C PHE A 348 -5.47 -24.78 -7.48
N GLN A 349 -6.77 -24.67 -7.24
CA GLN A 349 -7.74 -25.74 -7.47
C GLN A 349 -8.97 -25.05 -8.06
N ASN A 350 -9.27 -25.34 -9.31
CA ASN A 350 -10.40 -24.74 -10.00
C ASN A 350 -10.32 -23.21 -9.96
N GLY A 351 -9.18 -22.68 -10.36
CA GLY A 351 -8.97 -21.24 -10.37
C GLY A 351 -8.98 -20.54 -9.03
N ASN A 352 -8.80 -21.30 -7.95
CA ASN A 352 -8.77 -20.73 -6.60
C ASN A 352 -7.57 -21.25 -5.83
N ASP A 353 -6.88 -20.33 -5.16
CA ASP A 353 -5.72 -20.69 -4.37
C ASP A 353 -6.25 -21.16 -3.02
N VAL A 354 -6.21 -22.47 -2.78
CA VAL A 354 -6.71 -22.99 -1.51
C VAL A 354 -5.89 -22.56 -0.29
N ASN A 355 -4.70 -22.02 -0.52
CA ASN A 355 -3.83 -21.56 0.56
C ASN A 355 -3.73 -20.03 0.61
N ASP A 356 -4.76 -19.34 0.14
CA ASP A 356 -4.74 -17.88 0.13
C ASP A 356 -4.83 -17.29 1.52
N TRP A 357 -5.13 -18.12 2.50
CA TRP A 357 -5.25 -17.73 3.91
C TRP A 357 -3.92 -17.76 4.63
N VAL A 358 -2.92 -18.47 4.08
CA VAL A 358 -1.64 -18.61 4.79
C VAL A 358 -1.02 -17.31 5.33
N GLY A 359 -0.73 -17.32 6.63
CA GLY A 359 -0.13 -16.17 7.30
C GLY A 359 1.36 -16.03 7.05
N PRO A 360 2.04 -15.04 7.69
CA PRO A 360 3.48 -14.79 7.53
C PRO A 360 4.35 -15.98 7.93
N PRO A 361 5.63 -16.00 7.48
CA PRO A 361 6.56 -17.09 7.80
C PRO A 361 6.60 -17.23 9.32
N ASN A 362 6.46 -18.45 9.81
CA ASN A 362 6.42 -18.68 11.24
C ASN A 362 6.94 -20.03 11.71
N ASN A 363 7.23 -20.09 13.00
CA ASN A 363 7.66 -21.31 13.66
C ASN A 363 6.63 -21.48 14.76
N ASN A 364 5.67 -22.35 14.49
CA ASN A 364 4.57 -22.64 15.40
C ASN A 364 3.82 -21.41 15.85
N GLY A 365 3.53 -20.56 14.87
CA GLY A 365 2.78 -19.33 15.08
C GLY A 365 3.60 -18.08 15.34
N VAL A 366 4.87 -18.26 15.68
CA VAL A 366 5.74 -17.14 15.97
C VAL A 366 6.34 -16.65 14.65
N ILE A 367 6.05 -15.42 14.29
CA ILE A 367 6.57 -14.82 13.05
C ILE A 367 8.12 -14.83 13.01
N LYS A 368 8.65 -15.38 11.93
CA LYS A 368 10.10 -15.49 11.72
C LYS A 368 10.72 -14.13 11.42
N GLU A 369 11.95 -13.93 11.89
CA GLU A 369 12.63 -12.66 11.68
C GLU A 369 13.01 -12.46 10.23
N VAL A 370 13.10 -11.20 9.84
CA VAL A 370 13.50 -10.92 8.47
C VAL A 370 15.01 -10.97 8.47
N THR A 371 15.55 -11.89 7.69
CA THR A 371 16.98 -12.03 7.59
C THR A 371 17.43 -11.36 6.29
N ILE A 372 18.63 -10.80 6.29
CA ILE A 372 19.14 -10.15 5.12
C ILE A 372 20.32 -10.96 4.58
N ASN A 373 20.24 -11.33 3.31
CA ASN A 373 21.29 -12.09 2.65
C ASN A 373 22.43 -11.17 2.23
N PRO A 374 23.62 -11.74 1.97
CA PRO A 374 24.82 -11.00 1.55
C PRO A 374 24.57 -10.08 0.36
N ASP A 375 23.62 -10.45 -0.50
CA ASP A 375 23.28 -9.67 -1.69
C ASP A 375 22.21 -8.61 -1.44
N THR A 376 21.88 -8.41 -0.16
CA THR A 376 20.87 -7.44 0.31
C THR A 376 19.42 -7.88 0.17
N THR A 377 19.20 -9.10 -0.34
CA THR A 377 17.84 -9.60 -0.47
C THR A 377 17.45 -10.21 0.88
N CYS A 378 16.18 -10.57 1.05
CA CYS A 378 15.73 -11.14 2.32
C CYS A 378 15.63 -12.64 2.28
N GLY A 379 15.78 -13.25 3.45
CA GLY A 379 15.64 -14.69 3.63
C GLY A 379 14.36 -14.96 4.42
N ASN A 380 14.21 -16.17 4.95
CA ASN A 380 13.03 -16.55 5.74
C ASN A 380 11.64 -16.39 5.11
N ASP A 381 11.58 -16.56 3.79
CA ASP A 381 10.34 -16.46 3.01
C ASP A 381 9.78 -15.08 2.80
N TRP A 382 10.53 -14.05 3.20
CA TRP A 382 10.09 -12.69 2.99
C TRP A 382 10.55 -12.27 1.57
N VAL A 383 9.63 -11.76 0.75
CA VAL A 383 9.96 -11.35 -0.61
C VAL A 383 10.80 -10.04 -0.70
N CYS A 384 10.43 -9.03 0.08
CA CYS A 384 11.17 -7.77 0.07
C CYS A 384 11.31 -7.12 -1.31
N GLU A 385 10.18 -6.89 -1.98
CA GLU A 385 10.17 -6.27 -3.29
C GLU A 385 10.80 -4.89 -3.18
N HIS A 386 10.67 -4.29 -2.00
CA HIS A 386 11.21 -2.96 -1.78
C HIS A 386 12.73 -2.95 -1.85
N ARG A 387 13.35 -4.13 -1.76
CA ARG A 387 14.80 -4.21 -1.85
C ARG A 387 15.32 -4.60 -3.22
N TRP A 388 14.41 -4.97 -4.13
CA TRP A 388 14.78 -5.33 -5.49
C TRP A 388 15.35 -4.05 -6.10
N ARG A 389 16.53 -4.12 -6.70
CA ARG A 389 17.20 -2.96 -7.28
C ARG A 389 16.31 -2.10 -8.18
N GLN A 390 15.57 -2.75 -9.08
CA GLN A 390 14.69 -2.08 -10.04
C GLN A 390 13.57 -1.28 -9.38
N ILE A 391 13.11 -1.74 -8.22
CA ILE A 391 12.03 -1.08 -7.49
C ILE A 391 12.59 0.02 -6.58
N ARG A 392 13.59 -0.30 -5.78
CA ARG A 392 14.18 0.69 -4.90
C ARG A 392 14.74 1.90 -5.69
N ASN A 393 15.36 1.65 -6.84
CA ASN A 393 15.92 2.74 -7.63
C ASN A 393 14.84 3.60 -8.26
N MET A 394 13.65 3.02 -8.47
CA MET A 394 12.54 3.79 -9.05
C MET A 394 11.88 4.62 -7.96
N VAL A 395 12.05 4.17 -6.73
CA VAL A 395 11.52 4.89 -5.58
C VAL A 395 12.36 6.17 -5.48
N ILE A 396 13.64 6.05 -5.77
CA ILE A 396 14.55 7.18 -5.76
C ILE A 396 14.28 8.07 -7.00
N PHE A 397 13.97 7.45 -8.14
CA PHE A 397 13.65 8.19 -9.35
C PHE A 397 12.49 9.16 -9.04
N ARG A 398 11.44 8.66 -8.40
CA ARG A 398 10.30 9.52 -8.06
C ARG A 398 10.70 10.73 -7.20
N ASN A 399 11.56 10.51 -6.22
CA ASN A 399 12.02 11.60 -5.36
C ASN A 399 12.74 12.67 -6.18
N VAL A 400 13.64 12.23 -7.05
CA VAL A 400 14.44 13.13 -7.86
C VAL A 400 13.62 14.02 -8.79
N VAL A 401 12.60 13.46 -9.41
CA VAL A 401 11.78 14.18 -10.38
C VAL A 401 10.54 14.87 -9.81
N ASP A 402 10.33 14.74 -8.51
CA ASP A 402 9.17 15.33 -7.82
C ASP A 402 8.95 16.78 -8.25
N GLY A 403 7.73 17.08 -8.70
CA GLY A 403 7.40 18.42 -9.13
C GLY A 403 7.53 18.71 -10.62
N GLN A 404 8.30 17.87 -11.30
CA GLN A 404 8.53 18.00 -12.74
C GLN A 404 7.36 17.47 -13.51
N PRO A 405 7.02 18.14 -14.63
CA PRO A 405 5.89 17.73 -15.45
C PRO A 405 6.15 16.60 -16.41
N PHE A 406 5.08 15.90 -16.74
CA PHE A 406 5.09 14.78 -17.68
C PHE A 406 5.31 15.39 -19.07
N THR A 407 6.42 15.03 -19.69
CA THR A 407 6.77 15.58 -21.00
C THR A 407 7.50 14.57 -21.88
N ASN A 408 7.81 15.00 -23.09
CA ASN A 408 8.55 14.21 -24.07
C ASN A 408 8.04 12.79 -24.30
N TRP A 409 6.71 12.63 -24.31
CA TRP A 409 6.09 11.34 -24.55
C TRP A 409 6.35 10.81 -25.96
N TYR A 410 6.66 9.52 -26.06
CA TYR A 410 6.89 8.81 -27.32
C TYR A 410 6.16 7.47 -27.25
N ASP A 411 5.68 7.03 -28.40
CA ASP A 411 5.02 5.73 -28.53
C ASP A 411 5.10 5.28 -29.99
N ASN A 412 5.16 3.97 -30.18
CA ASN A 412 5.24 3.41 -31.52
C ASN A 412 3.86 2.97 -31.99
N GLY A 413 2.83 3.39 -31.28
CA GLY A 413 1.46 3.01 -31.61
C GLY A 413 1.14 1.62 -31.10
N SER A 414 2.11 1.01 -30.45
CA SER A 414 1.96 -0.32 -29.92
C SER A 414 2.31 -0.40 -28.43
N ASN A 415 3.42 -1.05 -28.10
CA ASN A 415 3.82 -1.20 -26.70
C ASN A 415 5.23 -0.72 -26.38
N GLN A 416 5.74 0.19 -27.20
CA GLN A 416 7.04 0.79 -26.97
C GLN A 416 6.80 2.26 -26.67
N VAL A 417 6.96 2.65 -25.41
CA VAL A 417 6.74 4.04 -25.03
C VAL A 417 7.86 4.59 -24.17
N ALA A 418 7.98 5.91 -24.17
CA ALA A 418 8.99 6.59 -23.37
C ALA A 418 8.43 7.95 -22.98
N PHE A 419 8.89 8.49 -21.87
CA PHE A 419 8.44 9.81 -21.42
C PHE A 419 9.40 10.32 -20.35
N GLY A 420 9.42 11.64 -20.19
CA GLY A 420 10.29 12.24 -19.20
C GLY A 420 9.53 13.03 -18.15
N ARG A 421 10.29 13.54 -17.20
CA ARG A 421 9.76 14.35 -16.11
C ARG A 421 10.63 15.60 -16.06
N GLY A 422 10.20 16.65 -16.76
CA GLY A 422 10.95 17.89 -16.80
C GLY A 422 12.29 17.62 -17.43
N ASN A 423 13.33 18.11 -16.77
CA ASN A 423 14.71 17.92 -17.21
C ASN A 423 15.42 17.07 -16.17
N ARG A 424 14.64 16.32 -15.39
CA ARG A 424 15.20 15.53 -14.31
C ARG A 424 15.19 14.01 -14.44
N GLY A 425 14.45 13.47 -15.40
CA GLY A 425 14.39 12.03 -15.56
C GLY A 425 13.74 11.61 -16.87
N PHE A 426 14.09 10.41 -17.32
CA PHE A 426 13.55 9.87 -18.56
C PHE A 426 13.47 8.35 -18.45
N ILE A 427 12.36 7.77 -18.92
CA ILE A 427 12.19 6.33 -18.83
C ILE A 427 11.70 5.78 -20.19
N VAL A 428 12.13 4.57 -20.53
CA VAL A 428 11.79 3.93 -21.80
C VAL A 428 11.31 2.49 -21.53
N PHE A 429 10.25 2.07 -22.21
CA PHE A 429 9.71 0.72 -22.03
C PHE A 429 9.54 0.01 -23.35
N ASN A 430 9.81 -1.29 -23.36
CA ASN A 430 9.61 -2.09 -24.56
C ASN A 430 8.80 -3.32 -24.15
N ASN A 431 7.49 -3.28 -24.40
CA ASN A 431 6.62 -4.41 -24.08
C ASN A 431 6.06 -5.02 -25.37
N ASP A 432 6.78 -4.86 -26.47
CA ASP A 432 6.39 -5.43 -27.75
C ASP A 432 7.23 -6.67 -27.98
N ASP A 433 6.80 -7.48 -28.93
CA ASP A 433 7.47 -8.73 -29.28
C ASP A 433 8.65 -8.60 -30.25
N TRP A 434 9.20 -7.40 -30.33
CA TRP A 434 10.36 -7.12 -31.17
C TRP A 434 11.21 -6.07 -30.48
N SER A 435 12.46 -5.95 -30.88
CA SER A 435 13.38 -5.02 -30.25
C SER A 435 13.16 -3.54 -30.51
N PHE A 436 13.49 -2.73 -29.50
CA PHE A 436 13.39 -1.28 -29.56
C PHE A 436 14.83 -0.81 -29.70
N SER A 437 15.06 0.11 -30.62
CA SER A 437 16.38 0.64 -30.85
C SER A 437 16.10 1.94 -31.60
N LEU A 438 16.16 3.03 -30.86
CA LEU A 438 15.80 4.32 -31.40
C LEU A 438 16.48 5.44 -30.64
N THR A 439 16.73 6.54 -31.35
CA THR A 439 17.34 7.72 -30.76
C THR A 439 16.14 8.61 -30.38
N LEU A 440 16.05 8.97 -29.10
CA LEU A 440 14.94 9.78 -28.62
C LEU A 440 15.36 11.08 -27.97
N GLN A 441 14.41 12.01 -27.88
CA GLN A 441 14.65 13.30 -27.23
C GLN A 441 14.32 13.06 -25.77
N THR A 442 15.28 13.28 -24.90
CA THR A 442 15.08 13.02 -23.49
C THR A 442 14.79 14.25 -22.64
N GLY A 443 15.13 15.43 -23.14
CA GLY A 443 14.91 16.65 -22.39
C GLY A 443 15.91 16.80 -21.24
N LEU A 444 16.90 15.93 -21.22
CA LEU A 444 17.94 15.94 -20.18
C LEU A 444 19.24 16.58 -20.66
N PRO A 445 20.04 17.11 -19.72
CA PRO A 445 21.32 17.74 -20.02
C PRO A 445 22.31 16.70 -20.54
N ALA A 446 23.18 17.09 -21.46
CA ALA A 446 24.17 16.16 -22.00
C ALA A 446 25.01 15.49 -20.90
N GLY A 447 25.41 14.24 -21.13
CA GLY A 447 26.22 13.52 -20.17
C GLY A 447 26.03 12.02 -20.20
N THR A 448 26.83 11.32 -19.40
CA THR A 448 26.72 9.87 -19.30
C THR A 448 25.88 9.62 -18.06
N TYR A 449 24.81 8.86 -18.23
CA TYR A 449 23.92 8.54 -17.14
C TYR A 449 23.93 7.04 -16.97
N CYS A 450 23.90 6.58 -15.71
CA CYS A 450 23.85 5.15 -15.42
C CYS A 450 22.36 4.79 -15.46
N ASP A 451 22.04 3.65 -16.07
CA ASP A 451 20.66 3.18 -16.12
C ASP A 451 20.42 2.60 -14.72
N VAL A 452 19.44 3.13 -14.00
CA VAL A 452 19.19 2.65 -12.65
C VAL A 452 18.37 1.36 -12.55
N ILE A 453 17.97 0.81 -13.69
CA ILE A 453 17.23 -0.45 -13.69
C ILE A 453 18.21 -1.62 -13.79
N SER A 454 19.24 -1.50 -14.63
CA SER A 454 20.23 -2.57 -14.75
C SER A 454 21.36 -2.50 -13.75
N GLY A 455 21.59 -1.30 -13.21
CA GLY A 455 22.66 -1.12 -12.24
C GLY A 455 22.50 0.07 -11.33
N ASP A 456 23.65 0.58 -10.87
CA ASP A 456 23.73 1.72 -9.94
C ASP A 456 24.91 2.62 -10.26
N LYS A 457 24.83 3.88 -9.84
CA LYS A 457 25.94 4.81 -10.01
C LYS A 457 26.71 4.67 -8.70
N ILE A 458 27.90 4.07 -8.78
CA ILE A 458 28.71 3.88 -7.57
C ILE A 458 30.10 4.45 -7.79
N ASN A 459 30.45 5.44 -6.98
CA ASN A 459 31.74 6.11 -7.02
C ASN A 459 32.31 6.38 -8.43
N GLY A 460 31.66 7.30 -9.14
CA GLY A 460 32.09 7.71 -10.47
C GLY A 460 31.93 6.76 -11.64
N ASN A 461 31.17 5.69 -11.46
CA ASN A 461 30.96 4.72 -12.52
C ASN A 461 29.57 4.07 -12.38
N CYS A 462 29.21 3.28 -13.37
CA CYS A 462 27.93 2.59 -13.40
C CYS A 462 28.15 1.09 -13.34
N THR A 463 27.30 0.37 -12.63
CA THR A 463 27.43 -1.10 -12.55
C THR A 463 26.60 -1.81 -13.62
N GLY A 464 25.81 -1.03 -14.37
CA GLY A 464 24.99 -1.56 -15.45
C GLY A 464 25.17 -0.78 -16.75
N ILE A 465 24.08 -0.62 -17.47
CA ILE A 465 24.07 0.09 -18.73
C ILE A 465 24.30 1.60 -18.54
N LYS A 466 25.02 2.18 -19.48
CA LYS A 466 25.35 3.61 -19.52
C LYS A 466 24.63 4.23 -20.71
N ILE A 467 23.98 5.35 -20.50
CA ILE A 467 23.26 6.05 -21.56
C ILE A 467 23.99 7.34 -21.80
N TYR A 468 24.16 7.70 -23.08
CA TYR A 468 24.86 8.92 -23.44
C TYR A 468 23.92 9.94 -24.07
N VAL A 469 23.71 11.04 -23.35
CA VAL A 469 22.85 12.12 -23.81
C VAL A 469 23.70 13.17 -24.51
N SER A 470 23.40 13.44 -25.78
CA SER A 470 24.14 14.45 -26.52
C SER A 470 23.74 15.86 -26.11
N ASP A 471 24.41 16.86 -26.67
CA ASP A 471 24.13 18.25 -26.34
C ASP A 471 22.70 18.69 -26.61
N ASP A 472 22.03 18.05 -27.56
CA ASP A 472 20.65 18.41 -27.89
C ASP A 472 19.62 17.55 -27.16
N GLY A 473 20.08 16.86 -26.12
CA GLY A 473 19.21 16.00 -25.32
C GLY A 473 18.81 14.69 -25.95
N LYS A 474 19.39 14.33 -27.11
CA LYS A 474 19.04 13.08 -27.77
C LYS A 474 19.91 11.96 -27.17
N ALA A 475 19.37 10.75 -27.14
CA ALA A 475 20.10 9.61 -26.60
C ALA A 475 19.58 8.34 -27.29
N HIS A 476 20.48 7.40 -27.57
CA HIS A 476 20.07 6.16 -28.21
C HIS A 476 19.73 5.11 -27.16
N PHE A 477 18.64 4.39 -27.41
CA PHE A 477 18.18 3.34 -26.50
C PHE A 477 17.95 2.05 -27.28
N SER A 478 18.50 0.96 -26.76
CA SER A 478 18.34 -0.36 -27.34
C SER A 478 17.82 -1.29 -26.24
N ILE A 479 16.68 -1.91 -26.50
CA ILE A 479 16.09 -2.84 -25.55
C ILE A 479 15.55 -4.06 -26.30
N SER A 480 16.15 -5.22 -26.06
CA SER A 480 15.71 -6.47 -26.69
C SER A 480 14.40 -6.91 -26.03
N ASN A 481 13.48 -7.45 -26.82
CA ASN A 481 12.22 -7.91 -26.26
C ASN A 481 12.47 -9.06 -25.30
N SER A 482 13.65 -9.67 -25.36
CA SER A 482 14.01 -10.78 -24.48
C SER A 482 14.86 -10.35 -23.28
N ALA A 483 14.93 -9.04 -23.05
CA ALA A 483 15.69 -8.49 -21.94
C ALA A 483 15.08 -8.92 -20.59
N GLU A 484 15.92 -9.08 -19.57
CA GLU A 484 15.46 -9.45 -18.22
C GLU A 484 14.44 -8.39 -17.76
N ASP A 485 14.86 -7.13 -17.92
CA ASP A 485 14.06 -5.94 -17.58
C ASP A 485 14.02 -5.12 -18.86
N PRO A 486 12.90 -5.19 -19.60
CA PRO A 486 12.78 -4.44 -20.85
C PRO A 486 12.46 -2.96 -20.70
N PHE A 487 13.15 -2.30 -19.76
CA PHE A 487 12.96 -0.87 -19.54
C PHE A 487 14.21 -0.21 -18.95
N ILE A 488 14.45 1.03 -19.34
CA ILE A 488 15.63 1.79 -18.89
C ILE A 488 15.18 3.11 -18.26
N ALA A 489 15.86 3.51 -17.21
CA ALA A 489 15.53 4.76 -16.54
C ALA A 489 16.77 5.49 -16.11
N ILE A 490 16.84 6.77 -16.44
CA ILE A 490 17.98 7.59 -16.07
C ILE A 490 17.46 8.88 -15.48
N HIS A 491 18.20 9.44 -14.53
CA HIS A 491 17.80 10.69 -13.90
C HIS A 491 18.96 11.59 -13.52
N ALA A 492 18.62 12.78 -13.04
CA ALA A 492 19.60 13.79 -12.65
C ALA A 492 20.67 13.31 -11.68
N GLU A 493 20.32 12.39 -10.79
CA GLU A 493 21.27 11.90 -9.81
C GLU A 493 22.03 10.62 -10.21
N SER A 494 21.77 10.08 -11.40
CA SER A 494 22.50 8.89 -11.86
C SER A 494 23.50 9.30 -12.93
N LYS A 495 23.61 10.59 -13.13
CA LYS A 495 24.52 11.14 -14.12
C LYS A 495 25.92 11.15 -13.52
N LEU A 496 26.90 10.70 -14.30
CA LEU A 496 28.29 10.67 -13.86
C LEU A 496 28.90 12.07 -13.93
C2 BGC B . -16.80 -4.86 -3.32
C3 BGC B . -15.84 -4.65 -2.18
C4 BGC B . -15.66 -5.96 -1.43
C5 BGC B . -15.20 -7.05 -2.39
C6 BGC B . -15.16 -8.43 -1.76
C1 BGC B . -16.19 -5.90 -4.23
O1 BGC B . -16.99 -6.09 -5.35
O2 BGC B . -17.01 -3.67 -4.05
O3 BGC B . -16.33 -3.65 -1.30
O4 BGC B . -14.60 -5.57 -0.57
O5 BGC B . -16.08 -7.14 -3.53
O6 BGC B . -14.86 -9.44 -2.72
C1 AC1 B . -14.75 -5.90 0.77
O2 AC1 B . -15.28 -3.58 1.00
C2 AC1 B . -14.57 -4.64 1.63
C4A AC1 B . -9.94 -7.32 5.39
C3 AC1 B . -13.10 -4.25 1.78
O3 AC1 B . -12.97 -3.21 2.73
C4 AC1 B . -12.32 -5.45 2.26
N4A AC1 B . -10.92 -5.18 2.53
C5 AC1 B . -12.48 -6.58 1.23
O5 AC1 B . -13.87 -6.95 1.18
C6 AC1 B . -11.63 -7.79 1.58
C1B AC1 B . -10.64 -4.79 3.90
C2B AC1 B . -9.22 -5.20 4.31
O2B AC1 B . -8.28 -4.63 3.41
C3B AC1 B . -9.05 -6.72 4.31
O3B AC1 B . -7.70 -7.02 4.58
O4 AC1 B . -10.15 -8.70 4.76
C5B AC1 B . -11.10 -6.52 5.77
C7B AC1 B . -11.49 -5.24 5.07
C6B AC1 B . -11.88 -6.91 7.01
O6B AC1 B . -11.37 -5.98 7.96
C1 GLC B . -9.66 -9.94 5.38
C2 GLC B . -10.24 -11.03 4.39
C3 GLC B . -11.52 -11.66 4.74
C4 GLC B . -11.68 -11.88 6.22
C5 GLC B . -11.52 -10.53 6.91
C6 GLC B . -11.67 -10.66 8.39
O2 GLC B . -10.31 -10.49 3.07
O3 GLC B . -11.62 -12.92 4.09
O4 GLC B . -12.90 -12.52 6.67
O5 GLC B . -10.22 -10.02 6.73
O6 GLC B . -10.77 -11.62 8.91
C1 G6D B . -12.75 -13.57 7.57
O2 G6D B . -12.07 -15.04 5.75
C2 G6D B . -12.96 -14.92 6.87
C3 G6D B . -14.39 -15.05 6.41
O3 G6D B . -14.60 -16.32 5.81
C4 G6D B . -15.31 -14.91 7.62
O4 G6D B . -16.65 -14.99 7.19
C5 G6D B . -15.04 -13.56 8.27
O5 G6D B . -13.66 -13.47 8.67
C6 G6D B . -15.94 -13.33 9.49
CL CL C . -5.53 -0.77 0.81
CA CA D . -20.35 -0.40 9.30
#